data_8PI5
#
_entry.id   8PI5
#
_cell.length_a   79.353
_cell.length_b   79.353
_cell.length_c   39.185
_cell.angle_alpha   90.000
_cell.angle_beta   90.000
_cell.angle_gamma   120.000
#
_symmetry.space_group_name_H-M   'H 3'
#
loop_
_entity.id
_entity.type
_entity.pdbx_description
1 polymer 'Insulin B chain,Insulin A chain'
2 non-polymer 'ZINC ION'
3 non-polymer 'CHLORIDE ION'
4 non-polymer RESORCINOL
5 water water
#
_entity_poly.entity_id   1
_entity_poly.type   'polypeptide(L)'
_entity_poly.pdbx_seq_one_letter_code
;FVNQHLCGSHLVEALYLVCGERGFFYTPKAMKGIVEQCCTSICSLYQLENYCN
;
_entity_poly.pdbx_strand_id   B,D
#
# COMPACT_ATOMS: atom_id res chain seq x y z
N PHE A 1 -16.61 -12.27 -9.71
CA PHE A 1 -17.95 -11.63 -9.47
C PHE A 1 -18.50 -12.00 -8.10
N VAL A 2 -17.63 -11.93 -7.10
CA VAL A 2 -18.01 -12.02 -5.69
C VAL A 2 -17.28 -10.91 -4.95
N ASN A 3 -18.00 -10.21 -4.07
CA ASN A 3 -17.36 -9.17 -3.26
C ASN A 3 -16.31 -9.79 -2.36
N GLN A 4 -15.19 -9.09 -2.20
CA GLN A 4 -14.06 -9.60 -1.44
C GLN A 4 -13.74 -8.71 -0.25
N HIS A 5 -14.62 -7.79 0.11
CA HIS A 5 -14.43 -6.98 1.31
C HIS A 5 -13.04 -6.35 1.31
N LEU A 6 -12.62 -5.85 0.15
CA LEU A 6 -11.34 -5.15 0.04
C LEU A 6 -11.52 -3.72 0.55
N CYS A 7 -11.77 -3.65 1.84
CA CYS A 7 -12.00 -2.41 2.57
C CYS A 7 -10.72 -1.97 3.28
N GLY A 8 -10.60 -0.66 3.50
CA GLY A 8 -9.47 -0.14 4.25
C GLY A 8 -8.16 -0.68 3.74
N SER A 9 -7.31 -1.14 4.67
CA SER A 9 -5.97 -1.57 4.32
C SER A 9 -5.94 -2.80 3.43
N HIS A 10 -7.05 -3.51 3.29
CA HIS A 10 -7.07 -4.66 2.40
C HIS A 10 -6.81 -4.25 0.97
N LEU A 11 -7.28 -3.05 0.58
CA LEU A 11 -7.05 -2.59 -0.79
C LEU A 11 -5.58 -2.31 -1.02
N VAL A 12 -4.91 -1.75 -0.01
CA VAL A 12 -3.48 -1.52 -0.14
C VAL A 12 -2.71 -2.83 -0.17
N GLU A 13 -3.16 -3.83 0.60
CA GLU A 13 -2.53 -5.15 0.49
C GLU A 13 -2.75 -5.76 -0.88
N ALA A 14 -3.95 -5.58 -1.44
CA ALA A 14 -4.22 -6.08 -2.79
C ALA A 14 -3.33 -5.42 -3.81
N LEU A 15 -3.19 -4.09 -3.72
CA LEU A 15 -2.32 -3.38 -4.66
C LEU A 15 -0.87 -3.85 -4.53
N TYR A 16 -0.44 -4.07 -3.29
CA TYR A 16 0.92 -4.54 -3.03
C TYR A 16 1.20 -5.82 -3.79
N LEU A 17 0.26 -6.77 -3.70
CA LEU A 17 0.44 -8.07 -4.35
C LEU A 17 0.31 -7.96 -5.87
N VAL A 18 -0.67 -7.19 -6.34
CA VAL A 18 -0.91 -7.09 -7.78
C VAL A 18 0.27 -6.42 -8.48
N CYS A 19 0.78 -5.34 -7.88
CA CYS A 19 1.71 -4.49 -8.59
C CYS A 19 3.15 -4.97 -8.50
N GLY A 20 3.47 -5.79 -7.49
CA GLY A 20 4.81 -6.36 -7.42
C GLY A 20 5.89 -5.29 -7.38
N GLU A 21 6.91 -5.47 -8.21
CA GLU A 21 8.10 -4.64 -8.16
C GLU A 21 7.84 -3.21 -8.60
N ARG A 22 6.76 -2.98 -9.36
CA ARG A 22 6.42 -1.62 -9.75
C ARG A 22 6.04 -0.77 -8.55
N GLY A 23 5.46 -1.36 -7.52
CA GLY A 23 4.83 -0.58 -6.50
C GLY A 23 3.53 0.04 -7.01
N PHE A 24 2.95 0.87 -6.15
CA PHE A 24 1.62 1.41 -6.40
C PHE A 24 1.51 2.74 -5.69
N PHE A 25 0.36 3.40 -5.86
CA PHE A 25 0.05 4.60 -5.10
C PHE A 25 -1.33 4.45 -4.48
N TYR A 26 -1.49 5.04 -3.32
CA TYR A 26 -2.74 5.04 -2.58
C TYR A 26 -3.04 6.48 -2.19
N THR A 27 -4.05 7.08 -2.81
N THR A 27 -4.06 7.06 -2.81
CA THR A 27 -4.35 8.51 -2.64
CA THR A 27 -4.40 8.48 -2.72
C THR A 27 -5.84 8.64 -2.37
C THR A 27 -5.88 8.59 -2.37
N PRO A 28 -6.23 8.62 -1.08
CA PRO A 28 -7.65 8.62 -0.73
C PRO A 28 -8.53 9.63 -1.45
N LYS A 29 -8.06 10.87 -1.63
CA LYS A 29 -8.91 11.88 -2.28
C LYS A 29 -9.18 11.52 -3.75
N ALA A 30 -8.16 11.08 -4.46
CA ALA A 30 -8.31 10.76 -5.88
C ALA A 30 -8.96 9.41 -6.12
N MET A 31 -8.89 8.51 -5.14
CA MET A 31 -9.35 7.13 -5.30
C MET A 31 -10.58 6.81 -4.46
N LYS A 32 -11.39 7.83 -4.14
CA LYS A 32 -12.62 7.61 -3.40
C LYS A 32 -13.49 6.56 -4.11
N GLY A 33 -13.55 6.62 -5.44
CA GLY A 33 -14.44 5.72 -6.17
C GLY A 33 -14.03 4.26 -6.04
N ILE A 34 -12.78 3.93 -6.37
CA ILE A 34 -12.33 2.54 -6.33
C ILE A 34 -12.28 2.03 -4.90
N VAL A 35 -12.02 2.92 -3.95
CA VAL A 35 -12.05 2.53 -2.54
C VAL A 35 -13.44 2.04 -2.16
N GLU A 36 -14.48 2.81 -2.50
CA GLU A 36 -15.84 2.37 -2.26
C GLU A 36 -16.16 1.11 -3.04
N GLN A 37 -15.79 1.07 -4.31
CA GLN A 37 -16.18 -0.06 -5.15
C GLN A 37 -15.58 -1.36 -4.63
N CYS A 38 -14.29 -1.36 -4.33
CA CYS A 38 -13.64 -2.59 -3.88
C CYS A 38 -14.14 -3.02 -2.51
N CYS A 39 -14.61 -2.08 -1.69
CA CYS A 39 -15.06 -2.46 -0.35
C CYS A 39 -16.46 -3.02 -0.36
N THR A 40 -17.40 -2.34 -1.03
CA THR A 40 -18.81 -2.71 -0.96
C THR A 40 -19.34 -3.40 -2.20
N SER A 41 -18.56 -3.45 -3.28
CA SER A 41 -18.99 -4.06 -4.53
C SER A 41 -17.88 -4.99 -5.02
N ILE A 42 -17.69 -5.12 -6.32
CA ILE A 42 -16.65 -5.98 -6.87
C ILE A 42 -15.69 -5.15 -7.69
N CYS A 43 -14.39 -5.46 -7.58
CA CYS A 43 -13.36 -4.84 -8.41
C CYS A 43 -12.35 -5.91 -8.77
N SER A 44 -11.98 -5.94 -10.05
CA SER A 44 -11.10 -6.98 -10.56
C SER A 44 -9.65 -6.66 -10.29
N LEU A 45 -8.83 -7.71 -10.20
CA LEU A 45 -7.39 -7.50 -10.12
C LEU A 45 -6.86 -6.77 -11.35
N TYR A 46 -7.51 -6.96 -12.50
CA TYR A 46 -7.10 -6.22 -13.70
C TYR A 46 -7.37 -4.73 -13.54
N GLN A 47 -8.51 -4.38 -12.95
CA GLN A 47 -8.81 -2.98 -12.68
C GLN A 47 -7.79 -2.36 -11.72
N LEU A 48 -7.37 -3.11 -10.71
CA LEU A 48 -6.43 -2.59 -9.75
C LEU A 48 -5.07 -2.28 -10.35
N GLU A 49 -4.73 -2.87 -11.49
CA GLU A 49 -3.45 -2.56 -12.13
C GLU A 49 -3.35 -1.11 -12.51
N ASN A 50 -4.48 -0.40 -12.57
CA ASN A 50 -4.47 1.02 -12.89
C ASN A 50 -3.79 1.86 -11.83
N TYR A 51 -3.54 1.32 -10.64
CA TYR A 51 -2.90 2.07 -9.55
C TYR A 51 -1.47 1.59 -9.28
N CYS A 52 -0.93 0.76 -10.15
CA CYS A 52 0.49 0.47 -10.09
C CYS A 52 1.27 1.67 -10.62
N ASN A 53 2.51 1.82 -10.14
CA ASN A 53 3.38 2.88 -10.65
C ASN A 53 3.84 2.50 -12.05
N PHE B 1 14.45 -14.00 0.02
CA PHE B 1 13.74 -12.72 -0.26
C PHE B 1 12.32 -12.69 0.30
N VAL B 2 11.87 -13.85 0.80
CA VAL B 2 10.48 -13.94 1.27
C VAL B 2 10.25 -13.05 2.48
N ASN B 3 11.22 -12.99 3.40
CA ASN B 3 11.05 -12.15 4.58
C ASN B 3 10.87 -10.69 4.21
N GLN B 4 11.63 -10.20 3.23
CA GLN B 4 11.47 -8.82 2.78
C GLN B 4 10.09 -8.62 2.18
N HIS B 5 9.62 -9.58 1.41
CA HIS B 5 8.28 -9.50 0.83
C HIS B 5 7.23 -9.38 1.91
N LEU B 6 7.32 -10.23 2.94
CA LEU B 6 6.34 -10.21 4.02
C LEU B 6 6.44 -8.92 4.83
N CYS B 7 7.66 -8.48 5.10
CA CYS B 7 7.87 -7.20 5.77
C CYS B 7 7.19 -6.08 5.00
N GLY B 8 7.31 -6.09 3.67
CA GLY B 8 6.67 -5.05 2.87
C GLY B 8 5.17 -5.02 3.03
N SER B 9 4.54 -6.20 3.14
N SER B 9 4.53 -6.20 3.10
CA SER B 9 3.09 -6.24 3.35
CA SER B 9 3.11 -6.26 3.37
C SER B 9 2.71 -5.54 4.65
C SER B 9 2.77 -5.46 4.62
N HIS B 10 3.51 -5.71 5.70
CA HIS B 10 3.24 -5.03 6.95
C HIS B 10 3.48 -3.53 6.82
N LEU B 11 4.50 -3.15 6.05
CA LEU B 11 4.82 -1.74 5.88
C LEU B 11 3.67 -0.99 5.23
N VAL B 12 3.11 -1.56 4.16
CA VAL B 12 2.07 -0.82 3.43
C VAL B 12 0.82 -0.66 4.28
N GLU B 13 0.55 -1.63 5.17
CA GLU B 13 -0.55 -1.49 6.11
C GLU B 13 -0.28 -0.38 7.12
N ALA B 14 0.96 -0.29 7.59
CA ALA B 14 1.34 0.77 8.52
C ALA B 14 1.28 2.13 7.86
N LEU B 15 1.70 2.21 6.60
CA LEU B 15 1.59 3.47 5.90
C LEU B 15 0.13 3.88 5.67
N TYR B 16 -0.72 2.91 5.33
CA TYR B 16 -2.16 3.19 5.24
C TYR B 16 -2.65 3.87 6.50
N LEU B 17 -2.25 3.33 7.65
CA LEU B 17 -2.67 3.90 8.93
C LEU B 17 -2.11 5.28 9.15
N VAL B 18 -0.78 5.43 9.12
N VAL B 18 -0.80 5.35 9.05
CA VAL B 18 -0.19 6.70 9.56
CA VAL B 18 -0.22 6.62 9.49
C VAL B 18 -0.42 7.83 8.55
C VAL B 18 -0.44 7.75 8.49
N CYS B 19 -0.42 7.52 7.25
CA CYS B 19 -0.53 8.56 6.24
C CYS B 19 -1.95 9.09 6.10
N GLY B 20 -2.95 8.32 6.52
CA GLY B 20 -4.32 8.82 6.49
C GLY B 20 -4.74 9.36 5.14
N GLU B 21 -5.45 10.48 5.18
CA GLU B 21 -5.94 11.11 3.96
C GLU B 21 -4.83 11.44 2.98
N ARG B 22 -3.61 11.67 3.47
CA ARG B 22 -2.53 12.06 2.55
C ARG B 22 -2.20 10.97 1.57
N GLY B 23 -2.34 9.73 1.97
CA GLY B 23 -1.91 8.63 1.13
C GLY B 23 -0.40 8.55 1.02
N PHE B 24 0.05 7.74 0.07
CA PHE B 24 1.48 7.51 -0.12
C PHE B 24 1.69 6.86 -1.48
N PHE B 25 2.91 7.02 -1.97
CA PHE B 25 3.43 6.26 -3.09
C PHE B 25 4.34 5.18 -2.52
N TYR B 26 4.06 3.93 -2.85
CA TYR B 26 4.90 2.82 -2.40
C TYR B 26 5.87 2.45 -3.52
N THR B 27 7.16 2.65 -3.28
CA THR B 27 8.22 2.27 -4.20
C THR B 27 9.23 1.45 -3.40
N PRO B 28 9.08 0.12 -3.37
CA PRO B 28 10.15 -0.70 -2.77
C PRO B 28 11.48 -0.44 -3.45
N LYS B 29 11.43 -0.32 -4.78
CA LYS B 29 12.34 0.43 -5.61
C LYS B 29 13.23 1.40 -4.84
N ALA B 30 12.68 2.57 -4.53
CA ALA B 30 13.40 3.75 -4.08
C ALA B 30 14.79 3.48 -3.53
N MET B 31 15.78 4.19 -4.07
CA MET B 31 17.09 4.24 -3.45
C MET B 31 16.95 4.71 -2.01
N LYS B 32 17.66 4.03 -1.11
CA LYS B 32 17.58 4.32 0.33
C LYS B 32 16.11 4.28 0.78
N GLY B 33 15.37 3.29 0.27
CA GLY B 33 13.94 3.25 0.39
C GLY B 33 13.47 2.68 1.73
N ILE B 34 12.15 2.52 1.81
CA ILE B 34 11.52 2.14 3.07
C ILE B 34 11.86 0.71 3.45
N VAL B 35 12.05 -0.17 2.47
CA VAL B 35 12.37 -1.55 2.81
C VAL B 35 13.79 -1.66 3.36
N GLU B 36 14.73 -0.92 2.76
CA GLU B 36 16.09 -0.90 3.29
C GLU B 36 16.11 -0.39 4.73
N GLN B 37 15.38 0.68 5.02
CA GLN B 37 15.43 1.23 6.37
C GLN B 37 14.63 0.36 7.35
N CYS B 38 13.38 0.06 7.00
CA CYS B 38 12.41 -0.41 7.98
C CYS B 38 12.23 -1.93 8.00
N CYS B 39 12.81 -2.66 7.07
CA CYS B 39 12.89 -4.11 7.23
C CYS B 39 14.22 -4.53 7.81
N THR B 40 15.15 -3.59 7.96
CA THR B 40 16.42 -3.80 8.66
C THR B 40 16.33 -3.45 10.13
N SER B 41 15.65 -2.35 10.45
N SER B 41 15.60 -2.38 10.46
CA SER B 41 15.42 -1.94 11.82
CA SER B 41 15.43 -1.94 11.84
C SER B 41 13.94 -1.62 11.97
C SER B 41 14.01 -1.42 12.01
N ILE B 42 13.46 -1.62 13.22
CA ILE B 42 12.08 -1.24 13.46
C ILE B 42 11.93 0.25 13.27
N CYS B 43 10.99 0.65 12.40
CA CYS B 43 10.61 2.03 12.22
C CYS B 43 9.40 2.37 13.06
N SER B 44 9.50 3.44 13.83
CA SER B 44 8.37 3.97 14.56
C SER B 44 7.37 4.57 13.57
N LEU B 45 6.21 4.96 14.09
CA LEU B 45 5.26 5.61 13.21
C LEU B 45 5.76 6.99 12.74
N TYR B 46 6.64 7.64 13.51
CA TYR B 46 7.22 8.91 13.07
C TYR B 46 8.19 8.68 11.91
N GLN B 47 8.98 7.60 11.95
CA GLN B 47 9.85 7.29 10.83
C GLN B 47 9.05 6.87 9.59
N LEU B 48 7.97 6.13 9.79
CA LEU B 48 7.15 5.73 8.65
C LEU B 48 6.47 6.93 8.02
N GLU B 49 6.14 7.95 8.81
CA GLU B 49 5.46 9.11 8.28
C GLU B 49 6.30 9.87 7.28
N ASN B 50 7.63 9.70 7.32
CA ASN B 50 8.49 10.31 6.33
C ASN B 50 8.17 9.86 4.91
N TYR B 51 7.52 8.71 4.75
CA TYR B 51 7.24 8.16 3.43
C TYR B 51 5.87 8.52 2.92
N CYS B 52 5.08 9.26 3.70
CA CYS B 52 3.76 9.69 3.28
C CYS B 52 3.86 10.81 2.24
N ASN B 53 2.75 11.02 1.54
CA ASN B 53 2.59 12.22 0.72
C ASN B 53 2.47 13.46 1.60
#